data_3HEB
#
_entry.id   3HEB
#
_cell.length_a   40.121
_cell.length_b   75.071
_cell.length_c   48.571
_cell.angle_alpha   90.00
_cell.angle_beta   96.41
_cell.angle_gamma   90.00
#
_symmetry.space_group_name_H-M   'P 1 21 1'
#
loop_
_entity.id
_entity.type
_entity.pdbx_description
1 polymer 'Response regulator receiver domain protein (CheY)'
2 non-polymer 'PHOSPHATE ION'
3 water water
#
_entity_poly.entity_id   1
_entity_poly.type   'polypeptide(L)'
_entity_poly.pdbx_seq_one_letter_code
;(MSE)SLSVTIV(MSE)IEDDLGHARLIEKNIRRAGVNNEIIAFTDGTSALNYLFGDDKSGRVSAGRAQLVLLDLNLPD
(MSE)TGIDILKLVKENPHTRRSPVVILTTTDDQREIQRCYDLGANVYITKPVNYENFANAIRQLGLFFSV(MSE)QVPE
TEGHHHHHH
;
_entity_poly.pdbx_strand_id   A,B
#
# COMPACT_ATOMS: atom_id res chain seq x y z
N VAL A 5 -15.15 6.88 4.77
CA VAL A 5 -13.93 6.04 4.99
C VAL A 5 -13.52 6.06 6.46
N THR A 6 -13.49 4.89 7.07
CA THR A 6 -13.12 4.77 8.48
C THR A 6 -11.72 4.22 8.68
N ILE A 7 -10.96 4.85 9.56
CA ILE A 7 -9.61 4.37 9.87
C ILE A 7 -9.72 3.54 11.14
N VAL A 8 -9.35 2.26 11.06
CA VAL A 8 -9.41 1.38 12.22
C VAL A 8 -8.01 1.21 12.77
N ILE A 10 -5.52 -0.43 15.29
CA ILE A 10 -5.31 -1.56 16.20
C ILE A 10 -3.93 -1.42 16.83
N GLU A 11 -3.90 -0.78 17.99
CA GLU A 11 -2.66 -0.52 18.71
C GLU A 11 -2.95 -0.65 20.20
N ASP A 12 -2.07 -1.34 20.93
CA ASP A 12 -2.24 -1.55 22.37
C ASP A 12 -1.41 -0.58 23.20
N ASP A 13 -0.34 -0.05 22.61
CA ASP A 13 0.51 0.90 23.33
C ASP A 13 -0.26 2.21 23.31
N LEU A 14 -0.73 2.62 24.48
CA LEU A 14 -1.51 3.83 24.59
C LEU A 14 -0.71 5.06 24.23
N GLY A 15 0.59 4.99 24.42
CA GLY A 15 1.40 6.13 24.08
C GLY A 15 1.48 6.31 22.57
N HIS A 16 1.66 5.21 21.85
CA HIS A 16 1.74 5.26 20.40
C HIS A 16 0.37 5.55 19.82
N ALA A 17 -0.66 4.97 20.44
CA ALA A 17 -2.01 5.18 19.94
C ALA A 17 -2.37 6.66 19.94
N ARG A 18 -1.97 7.38 20.99
CA ARG A 18 -2.27 8.80 21.08
C ARG A 18 -1.37 9.63 20.16
N LEU A 19 -0.18 9.12 19.87
CA LEU A 19 0.73 9.82 18.96
C LEU A 19 0.26 9.67 17.50
N ILE A 20 -0.19 8.47 17.17
CA ILE A 20 -0.67 8.14 15.84
C ILE A 20 -1.90 8.97 15.51
N GLU A 21 -2.85 8.99 16.45
CA GLU A 21 -4.10 9.70 16.28
C GLU A 21 -3.93 11.20 16.09
N LYS A 22 -3.10 11.85 16.90
CA LYS A 22 -2.96 13.29 16.77
C LYS A 22 -2.17 13.69 15.54
N ASN A 23 -1.30 12.81 15.08
CA ASN A 23 -0.53 13.16 13.90
C ASN A 23 -1.32 12.94 12.64
N ILE A 24 -2.35 12.10 12.73
CA ILE A 24 -3.21 11.89 11.57
C ILE A 24 -4.03 13.15 11.42
N ARG A 25 -4.45 13.73 12.55
CA ARG A 25 -5.23 14.96 12.54
C ARG A 25 -4.32 16.08 12.10
N ARG A 26 -3.07 16.00 12.54
CA ARG A 26 -2.07 17.01 12.20
C ARG A 26 -1.97 17.11 10.69
N ALA A 27 -2.18 16.00 10.00
CA ALA A 27 -2.09 15.94 8.55
C ALA A 27 -3.36 16.45 7.86
N GLY A 28 -4.34 16.86 8.66
CA GLY A 28 -5.58 17.37 8.09
C GLY A 28 -6.63 16.30 7.87
N VAL A 29 -6.38 15.09 8.35
CA VAL A 29 -7.33 14.01 8.17
C VAL A 29 -8.37 14.06 9.29
N ASN A 30 -9.63 14.25 8.92
CA ASN A 30 -10.73 14.32 9.88
C ASN A 30 -11.56 13.05 9.94
N ASN A 31 -11.17 12.03 9.18
CA ASN A 31 -11.91 10.77 9.16
C ASN A 31 -12.10 10.14 10.54
N GLU A 32 -13.23 9.43 10.68
CA GLU A 32 -13.54 8.75 11.92
C GLU A 32 -12.45 7.70 12.16
N ILE A 33 -11.98 7.63 13.39
CA ILE A 33 -10.97 6.66 13.76
C ILE A 33 -11.52 5.87 14.93
N ILE A 34 -11.67 4.56 14.74
CA ILE A 34 -12.15 3.71 15.81
C ILE A 34 -10.94 2.88 16.27
N ALA A 35 -10.57 3.06 17.54
CA ALA A 35 -9.41 2.40 18.11
C ALA A 35 -9.69 1.16 18.96
N PHE A 36 -8.80 0.18 18.85
CA PHE A 36 -8.92 -1.06 19.62
C PHE A 36 -7.55 -1.33 20.23
N THR A 37 -7.51 -1.60 21.53
CA THR A 37 -6.24 -1.85 22.19
C THR A 37 -5.92 -3.34 22.33
N ASP A 38 -6.78 -4.18 21.79
CA ASP A 38 -6.57 -5.64 21.80
C ASP A 38 -7.10 -6.20 20.50
N GLY A 39 -6.57 -7.34 20.07
CA GLY A 39 -6.99 -7.94 18.82
C GLY A 39 -8.39 -8.55 18.81
N THR A 40 -8.84 -9.02 19.97
CA THR A 40 -10.16 -9.65 20.12
C THR A 40 -11.28 -8.71 19.72
N SER A 41 -11.35 -7.57 20.38
CA SER A 41 -12.38 -6.58 20.11
C SER A 41 -12.25 -6.08 18.68
N ALA A 42 -11.01 -5.98 18.20
CA ALA A 42 -10.75 -5.50 16.85
C ALA A 42 -11.35 -6.49 15.84
N LEU A 43 -11.14 -7.77 16.06
CA LEU A 43 -11.69 -8.79 15.17
C LEU A 43 -13.21 -8.81 15.32
N ASN A 44 -13.69 -8.54 16.53
CA ASN A 44 -15.13 -8.51 16.80
C ASN A 44 -15.82 -7.49 15.88
N TYR A 45 -15.26 -6.27 15.86
CA TYR A 45 -15.80 -5.18 15.05
C TYR A 45 -15.77 -5.51 13.56
N LEU A 46 -14.63 -6.04 13.12
CA LEU A 46 -14.41 -6.38 11.72
C LEU A 46 -15.21 -7.56 11.20
N PHE A 47 -15.39 -8.59 12.03
CA PHE A 47 -16.10 -9.78 11.61
C PHE A 47 -17.48 -9.98 12.22
N GLY A 48 -17.76 -9.27 13.31
CA GLY A 48 -19.05 -9.40 13.96
C GLY A 48 -19.12 -10.56 14.92
N ASP A 49 -20.23 -10.68 15.63
CA ASP A 49 -20.41 -11.75 16.60
C ASP A 49 -20.53 -13.10 15.92
N ASP A 50 -21.10 -13.12 14.72
CA ASP A 50 -21.25 -14.36 13.98
C ASP A 50 -19.91 -14.77 13.37
N LYS A 51 -18.97 -13.83 13.38
CA LYS A 51 -17.61 -14.03 12.85
C LYS A 51 -17.52 -14.22 11.34
N SER A 52 -18.61 -13.94 10.63
CA SER A 52 -18.66 -14.07 9.17
C SER A 52 -18.04 -12.89 8.42
N GLY A 53 -17.89 -11.76 9.11
CA GLY A 53 -17.31 -10.58 8.48
C GLY A 53 -18.36 -9.78 7.73
N ARG A 54 -19.61 -10.24 7.74
CA ARG A 54 -20.65 -9.54 7.03
C ARG A 54 -20.85 -8.10 7.48
N VAL A 55 -20.50 -7.81 8.72
CA VAL A 55 -20.62 -6.45 9.24
C VAL A 55 -19.73 -5.52 8.43
N SER A 56 -18.65 -6.07 7.87
CA SER A 56 -17.70 -5.30 7.08
C SER A 56 -18.08 -5.13 5.61
N ALA A 57 -19.02 -5.94 5.13
CA ALA A 57 -19.48 -5.88 3.74
C ALA A 57 -19.85 -4.47 3.26
N GLY A 58 -19.16 -4.01 2.23
CA GLY A 58 -19.44 -2.68 1.69
C GLY A 58 -18.79 -1.53 2.45
N ARG A 59 -17.99 -1.85 3.46
CA ARG A 59 -17.33 -0.81 4.22
C ARG A 59 -16.05 -0.33 3.52
N ALA A 60 -15.76 0.95 3.71
CA ALA A 60 -14.56 1.54 3.15
C ALA A 60 -13.74 1.86 4.38
N GLN A 61 -12.72 1.06 4.65
CA GLN A 61 -11.90 1.24 5.84
C GLN A 61 -10.42 0.92 5.62
N LEU A 62 -9.56 1.67 6.30
CA LEU A 62 -8.12 1.46 6.24
C LEU A 62 -7.77 0.97 7.64
N VAL A 63 -6.92 -0.04 7.74
CA VAL A 63 -6.56 -0.54 9.07
C VAL A 63 -5.08 -0.41 9.40
N LEU A 64 -4.82 0.22 10.55
CA LEU A 64 -3.47 0.39 11.06
C LEU A 64 -3.32 -0.76 12.04
N LEU A 65 -2.30 -1.58 11.84
CA LEU A 65 -2.12 -2.74 12.71
C LEU A 65 -0.71 -2.92 13.24
N ASP A 66 -0.62 -3.03 14.56
CA ASP A 66 0.64 -3.27 15.23
C ASP A 66 0.63 -4.78 15.36
N LEU A 67 1.77 -5.43 15.11
CA LEU A 67 1.85 -6.89 15.18
C LEU A 67 1.96 -7.37 16.62
N ASN A 68 2.43 -6.48 17.49
CA ASN A 68 2.62 -6.81 18.89
C ASN A 68 1.44 -6.45 19.79
N LEU A 69 0.46 -7.35 19.81
CA LEU A 69 -0.74 -7.16 20.61
C LEU A 69 -0.67 -8.05 21.86
N PRO A 70 -1.41 -7.68 22.92
CA PRO A 70 -1.45 -8.41 24.18
C PRO A 70 -2.17 -9.75 24.22
N ASP A 71 -3.18 -9.93 23.38
CA ASP A 71 -3.94 -11.16 23.38
C ASP A 71 -3.68 -12.08 22.19
N THR A 73 -1.31 -12.03 18.01
CA THR A 73 -0.33 -11.36 17.17
C THR A 73 -1.09 -10.77 16.00
N GLY A 74 -0.74 -9.54 15.63
CA GLY A 74 -1.41 -8.90 14.53
C GLY A 74 -1.30 -9.63 13.21
N ILE A 75 -0.28 -10.47 13.04
CA ILE A 75 -0.14 -11.19 11.78
C ILE A 75 -1.38 -12.04 11.53
N ASP A 76 -1.90 -12.66 12.58
CA ASP A 76 -3.08 -13.49 12.40
C ASP A 76 -4.33 -12.67 12.11
N ILE A 77 -4.36 -11.42 12.57
CA ILE A 77 -5.49 -10.55 12.29
C ILE A 77 -5.43 -10.28 10.79
N LEU A 78 -4.22 -10.02 10.31
CA LEU A 78 -3.94 -9.74 8.89
C LEU A 78 -4.39 -10.92 8.04
N LYS A 79 -4.00 -12.13 8.45
CA LYS A 79 -4.36 -13.33 7.71
C LYS A 79 -5.87 -13.47 7.59
N LEU A 80 -6.57 -13.23 8.68
CA LEU A 80 -8.03 -13.33 8.71
C LEU A 80 -8.73 -12.28 7.87
N VAL A 81 -8.20 -11.06 7.89
CA VAL A 81 -8.76 -9.94 7.14
C VAL A 81 -8.61 -10.12 5.63
N LYS A 82 -7.44 -10.62 5.22
CA LYS A 82 -7.14 -10.81 3.80
C LYS A 82 -7.67 -12.09 3.18
N GLU A 83 -8.28 -12.95 3.99
CA GLU A 83 -8.84 -14.21 3.49
C GLU A 83 -10.36 -14.13 3.33
N ASN A 84 -11.02 -13.37 4.19
CA ASN A 84 -12.46 -13.20 4.15
C ASN A 84 -12.94 -12.15 3.15
N PRO A 85 -13.90 -12.50 2.28
CA PRO A 85 -14.49 -11.66 1.25
C PRO A 85 -14.90 -10.22 1.58
N HIS A 86 -15.48 -10.00 2.77
CA HIS A 86 -15.92 -8.67 3.12
C HIS A 86 -14.93 -7.77 3.86
N THR A 87 -13.67 -8.19 3.91
CA THR A 87 -12.65 -7.40 4.61
C THR A 87 -11.31 -7.37 3.88
N ARG A 88 -11.08 -8.36 3.01
CA ARG A 88 -9.82 -8.44 2.29
C ARG A 88 -9.49 -7.26 1.40
N ARG A 89 -10.50 -6.65 0.80
CA ARG A 89 -10.26 -5.52 -0.08
C ARG A 89 -9.83 -4.29 0.71
N SER A 90 -9.95 -4.37 2.03
CA SER A 90 -9.57 -3.27 2.91
C SER A 90 -8.06 -3.19 2.99
N PRO A 91 -7.49 -2.02 2.65
CA PRO A 91 -6.04 -1.89 2.73
C PRO A 91 -5.57 -2.03 4.17
N VAL A 92 -4.48 -2.74 4.37
CA VAL A 92 -3.95 -2.93 5.69
C VAL A 92 -2.54 -2.38 5.74
N VAL A 93 -2.29 -1.49 6.69
CA VAL A 93 -0.98 -0.89 6.85
C VAL A 93 -0.41 -1.39 8.16
N ILE A 94 0.63 -2.21 8.08
CA ILE A 94 1.27 -2.73 9.28
C ILE A 94 2.14 -1.62 9.84
N LEU A 95 1.99 -1.36 11.11
CA LEU A 95 2.75 -0.32 11.76
C LEU A 95 3.27 -0.93 13.07
N THR A 96 4.48 -1.46 13.01
CA THR A 96 5.05 -2.11 14.17
C THR A 96 6.52 -1.79 14.39
N THR A 97 7.03 -2.26 15.52
CA THR A 97 8.41 -2.03 15.93
C THR A 97 9.47 -2.79 15.14
N THR A 98 9.27 -4.10 14.95
CA THR A 98 10.27 -4.90 14.26
C THR A 98 10.56 -4.49 12.83
N ASP A 99 11.75 -4.85 12.34
CA ASP A 99 12.14 -4.52 10.98
C ASP A 99 12.96 -5.61 10.30
N ASP A 100 12.85 -6.85 10.76
CA ASP A 100 13.61 -7.91 10.12
C ASP A 100 12.86 -8.46 8.91
N GLN A 101 13.59 -8.64 7.82
CA GLN A 101 13.06 -9.14 6.56
C GLN A 101 11.94 -10.18 6.68
N ARG A 102 12.21 -11.26 7.41
CA ARG A 102 11.25 -12.34 7.58
C ARG A 102 9.84 -11.91 7.96
N GLU A 103 9.72 -10.94 8.87
CA GLU A 103 8.41 -10.47 9.30
C GLU A 103 7.76 -9.62 8.22
N ILE A 104 8.56 -8.73 7.65
CA ILE A 104 8.08 -7.84 6.61
C ILE A 104 7.58 -8.68 5.43
N GLN A 105 8.44 -9.57 4.94
CA GLN A 105 8.09 -10.42 3.82
C GLN A 105 6.85 -11.27 4.09
N ARG A 106 6.72 -11.75 5.34
CA ARG A 106 5.58 -12.57 5.70
C ARG A 106 4.26 -11.79 5.65
N CYS A 107 4.30 -10.54 6.15
CA CYS A 107 3.12 -9.68 6.13
C CYS A 107 2.67 -9.44 4.69
N TYR A 108 3.62 -9.11 3.82
CA TYR A 108 3.25 -8.90 2.43
C TYR A 108 2.70 -10.21 1.84
N ASP A 109 3.34 -11.33 2.14
CA ASP A 109 2.86 -12.61 1.62
C ASP A 109 1.45 -12.84 2.16
N LEU A 110 1.21 -12.46 3.40
CA LEU A 110 -0.12 -12.59 4.01
C LEU A 110 -1.12 -11.59 3.45
N GLY A 111 -0.64 -10.63 2.66
CA GLY A 111 -1.54 -9.65 2.05
C GLY A 111 -1.52 -8.20 2.52
N ALA A 112 -0.59 -7.83 3.38
CA ALA A 112 -0.53 -6.45 3.85
C ALA A 112 -0.27 -5.52 2.66
N ASN A 113 -0.98 -4.41 2.61
CA ASN A 113 -0.80 -3.45 1.53
C ASN A 113 0.48 -2.66 1.69
N VAL A 114 0.80 -2.34 2.93
CA VAL A 114 1.98 -1.56 3.29
C VAL A 114 2.48 -1.97 4.66
N TYR A 115 3.80 -1.87 4.84
CA TYR A 115 4.44 -2.19 6.10
C TYR A 115 5.33 -1.02 6.47
N ILE A 116 5.14 -0.51 7.68
CA ILE A 116 5.92 0.61 8.17
C ILE A 116 6.51 0.25 9.51
N THR A 117 7.84 0.28 9.61
CA THR A 117 8.49 -0.01 10.87
C THR A 117 8.44 1.30 11.65
N LYS A 118 7.93 1.24 12.88
CA LYS A 118 7.82 2.43 13.71
C LYS A 118 9.20 3.06 13.87
N PRO A 119 9.34 4.34 13.51
CA PRO A 119 10.66 4.95 13.68
C PRO A 119 10.97 5.00 15.18
N VAL A 120 12.23 4.77 15.54
CA VAL A 120 12.62 4.79 16.94
C VAL A 120 12.48 6.20 17.48
N ASN A 121 13.05 7.17 16.77
CA ASN A 121 12.98 8.56 17.20
C ASN A 121 11.53 9.05 17.21
N TYR A 122 11.08 9.50 18.38
CA TYR A 122 9.72 9.99 18.59
C TYR A 122 9.25 11.00 17.55
N GLU A 123 10.12 11.96 17.23
CA GLU A 123 9.78 12.98 16.24
C GLU A 123 9.70 12.35 14.83
N ASN A 124 10.63 11.49 14.49
CA ASN A 124 10.59 10.85 13.18
C ASN A 124 9.33 10.01 13.13
N PHE A 125 8.99 9.44 14.28
CA PHE A 125 7.80 8.61 14.38
C PHE A 125 6.56 9.46 14.10
N ALA A 126 6.46 10.61 14.77
CA ALA A 126 5.31 11.51 14.60
C ALA A 126 5.23 12.01 13.16
N ASN A 127 6.36 12.43 12.62
CA ASN A 127 6.42 12.92 11.25
C ASN A 127 5.98 11.85 10.25
N ALA A 128 6.40 10.60 10.48
CA ALA A 128 6.06 9.51 9.59
C ALA A 128 4.54 9.29 9.54
N ILE A 129 3.88 9.42 10.69
CA ILE A 129 2.44 9.24 10.78
C ILE A 129 1.74 10.37 10.01
N ARG A 130 2.32 11.55 10.12
CA ARG A 130 1.80 12.72 9.44
C ARG A 130 1.91 12.39 7.94
N GLN A 131 3.04 11.82 7.55
CA GLN A 131 3.27 11.44 6.17
C GLN A 131 2.27 10.38 5.73
N LEU A 132 1.92 9.49 6.65
CA LEU A 132 0.94 8.41 6.41
C LEU A 132 -0.46 9.04 6.18
N GLY A 133 -0.77 10.05 6.99
CA GLY A 133 -2.06 10.73 6.89
C GLY A 133 -2.19 11.47 5.57
N LEU A 134 -1.12 12.13 5.14
CA LEU A 134 -1.14 12.87 3.88
C LEU A 134 -1.35 11.93 2.71
N PHE A 135 -0.67 10.80 2.71
CA PHE A 135 -0.78 9.80 1.65
C PHE A 135 -2.18 9.21 1.61
N PHE A 136 -2.72 8.94 2.79
CA PHE A 136 -4.07 8.40 2.93
C PHE A 136 -5.05 9.28 2.16
N SER A 137 -4.91 10.59 2.34
CA SER A 137 -5.82 11.53 1.69
C SER A 137 -5.58 11.62 0.19
N VAL A 138 -4.52 10.98 -0.28
CA VAL A 138 -4.18 10.99 -1.70
C VAL A 138 -4.58 9.70 -2.42
N GLN A 140 -6.85 5.97 -3.02
CA GLN A 140 -8.24 5.53 -3.11
C GLN A 140 -8.42 4.35 -2.15
N VAL A 141 -9.39 4.45 -1.24
CA VAL A 141 -9.69 3.36 -0.31
C VAL A 141 -10.99 2.76 -0.79
N PRO A 142 -10.97 1.50 -1.24
CA PRO A 142 -12.18 0.84 -1.74
C PRO A 142 -13.10 0.28 -0.67
N GLU A 143 -14.33 -0.03 -1.09
CA GLU A 143 -15.32 -0.64 -0.21
C GLU A 143 -15.13 -2.13 -0.45
N THR A 144 -15.44 -2.93 0.55
CA THR A 144 -15.29 -4.39 0.44
C THR A 144 -16.49 -4.97 -0.31
N GLU A 145 -16.45 -6.28 -0.57
CA GLU A 145 -17.55 -6.94 -1.26
C GLU A 145 -18.78 -6.98 -0.35
N GLY A 146 -19.93 -7.28 -0.92
CA GLY A 146 -21.17 -7.35 -0.14
C GLY A 146 -21.74 -8.76 -0.09
N VAL B 5 17.20 -1.04 -3.52
CA VAL B 5 15.74 -0.79 -3.74
C VAL B 5 15.48 0.18 -4.89
N THR B 6 14.77 -0.30 -5.91
CA THR B 6 14.49 0.51 -7.09
C THR B 6 13.01 0.83 -7.30
N ILE B 7 12.77 1.87 -8.08
CA ILE B 7 11.42 2.31 -8.42
C ILE B 7 11.22 2.05 -9.90
N VAL B 8 10.26 1.20 -10.22
CA VAL B 8 9.98 0.87 -11.61
C VAL B 8 8.74 1.65 -12.02
N ILE B 10 6.13 2.57 -14.83
CA ILE B 10 5.51 2.17 -16.09
C ILE B 10 4.45 3.21 -16.42
N GLU B 11 4.82 4.14 -17.29
CA GLU B 11 3.95 5.23 -17.69
C GLU B 11 4.25 5.48 -19.17
N ASP B 12 3.21 5.69 -19.98
CA ASP B 12 3.43 5.95 -21.40
C ASP B 12 3.37 7.43 -21.74
N ASP B 13 2.70 8.24 -20.92
CA ASP B 13 2.64 9.67 -21.17
C ASP B 13 3.95 10.25 -20.68
N LEU B 14 4.77 10.71 -21.61
CA LEU B 14 6.09 11.25 -21.28
C LEU B 14 6.03 12.51 -20.42
N GLY B 15 4.94 13.26 -20.50
CA GLY B 15 4.80 14.45 -19.68
C GLY B 15 4.62 14.07 -18.23
N HIS B 16 3.71 13.12 -17.97
CA HIS B 16 3.46 12.64 -16.60
C HIS B 16 4.71 11.95 -16.09
N ALA B 17 5.30 11.13 -16.95
CA ALA B 17 6.51 10.40 -16.60
C ALA B 17 7.59 11.32 -16.02
N ARG B 18 7.88 12.41 -16.73
CA ARG B 18 8.90 13.34 -16.27
C ARG B 18 8.42 14.18 -15.09
N LEU B 19 7.11 14.32 -14.94
CA LEU B 19 6.55 15.09 -13.82
C LEU B 19 6.71 14.25 -12.54
N ILE B 20 6.30 12.99 -12.65
CA ILE B 20 6.39 12.05 -11.54
C ILE B 20 7.83 11.93 -11.07
N GLU B 21 8.73 11.66 -12.00
CA GLU B 21 10.13 11.49 -11.66
C GLU B 21 10.72 12.67 -10.90
N LYS B 22 10.51 13.90 -11.39
CA LYS B 22 11.09 15.03 -10.68
C LYS B 22 10.43 15.31 -9.35
N ASN B 23 9.14 15.00 -9.21
CA ASN B 23 8.50 15.25 -7.92
C ASN B 23 8.93 14.22 -6.90
N ILE B 24 9.42 13.09 -7.38
CA ILE B 24 9.92 12.05 -6.48
C ILE B 24 11.24 12.61 -5.94
N ARG B 25 12.03 13.23 -6.84
CA ARG B 25 13.31 13.82 -6.47
C ARG B 25 13.09 14.94 -5.48
N ARG B 26 12.03 15.71 -5.67
CA ARG B 26 11.72 16.81 -4.77
C ARG B 26 11.37 16.30 -3.39
N ALA B 27 10.96 15.04 -3.30
CA ALA B 27 10.60 14.45 -2.01
C ALA B 27 11.87 13.99 -1.28
N GLY B 28 13.00 14.09 -1.96
CA GLY B 28 14.26 13.69 -1.36
C GLY B 28 14.66 12.26 -1.71
N VAL B 29 13.81 11.57 -2.46
CA VAL B 29 14.11 10.19 -2.85
C VAL B 29 15.20 10.21 -3.93
N ASN B 30 16.25 9.45 -3.70
CA ASN B 30 17.34 9.39 -4.66
C ASN B 30 17.50 8.00 -5.21
N ASN B 31 16.50 7.15 -4.99
CA ASN B 31 16.55 5.78 -5.51
C ASN B 31 16.54 5.77 -7.05
N GLU B 32 17.13 4.73 -7.66
CA GLU B 32 17.19 4.54 -9.10
C GLU B 32 15.76 4.36 -9.58
N ILE B 33 15.42 5.05 -10.67
CA ILE B 33 14.08 4.95 -11.25
C ILE B 33 14.24 4.44 -12.66
N ILE B 34 13.70 3.25 -12.89
CA ILE B 34 13.76 2.60 -14.21
C ILE B 34 12.38 2.70 -14.86
N ALA B 35 12.29 3.43 -15.96
CA ALA B 35 11.00 3.63 -16.60
C ALA B 35 10.76 2.94 -17.93
N PHE B 36 9.48 2.66 -18.17
CA PHE B 36 9.04 2.01 -19.39
C PHE B 36 7.77 2.73 -19.84
N THR B 37 7.71 3.02 -21.13
CA THR B 37 6.55 3.73 -21.68
C THR B 37 5.57 2.80 -22.38
N ASP B 38 5.75 1.50 -22.16
CA ASP B 38 4.87 0.47 -22.70
C ASP B 38 4.99 -0.79 -21.84
N GLY B 39 3.99 -1.67 -21.95
CA GLY B 39 4.00 -2.89 -21.18
C GLY B 39 5.04 -3.91 -21.61
N THR B 40 5.30 -3.99 -22.92
CA THR B 40 6.27 -4.94 -23.44
C THR B 40 7.65 -4.78 -22.84
N SER B 41 8.19 -3.57 -22.88
CA SER B 41 9.52 -3.33 -22.34
C SER B 41 9.57 -3.50 -20.82
N ALA B 42 8.48 -3.13 -20.13
CA ALA B 42 8.40 -3.28 -18.68
C ALA B 42 8.36 -4.75 -18.26
N LEU B 43 7.64 -5.57 -19.02
CA LEU B 43 7.53 -7.00 -18.70
C LEU B 43 8.87 -7.69 -18.95
N ASN B 44 9.58 -7.29 -19.99
CA ASN B 44 10.89 -7.88 -20.28
C ASN B 44 11.82 -7.61 -19.11
N TYR B 45 11.68 -6.45 -18.49
CA TYR B 45 12.53 -6.09 -17.37
C TYR B 45 12.16 -6.86 -16.11
N LEU B 46 10.87 -6.89 -15.80
CA LEU B 46 10.40 -7.59 -14.63
C LEU B 46 10.49 -9.11 -14.72
N PHE B 47 10.29 -9.65 -15.92
CA PHE B 47 10.30 -11.10 -16.09
C PHE B 47 11.47 -11.70 -16.85
N GLY B 48 12.24 -10.86 -17.53
CA GLY B 48 13.40 -11.35 -18.27
C GLY B 48 13.07 -11.96 -19.62
N ASP B 49 14.12 -12.25 -20.39
CA ASP B 49 13.97 -12.83 -21.72
C ASP B 49 13.10 -14.07 -21.72
N ASP B 50 13.29 -14.93 -20.72
CA ASP B 50 12.53 -16.16 -20.61
C ASP B 50 11.21 -15.97 -19.88
N LYS B 51 10.88 -14.72 -19.56
CA LYS B 51 9.64 -14.35 -18.86
C LYS B 51 9.33 -15.06 -17.55
N SER B 52 10.26 -15.89 -17.08
CA SER B 52 10.07 -16.62 -15.84
C SER B 52 9.90 -15.73 -14.61
N GLY B 53 10.53 -14.57 -14.64
CA GLY B 53 10.44 -13.65 -13.52
C GLY B 53 11.65 -13.78 -12.60
N ARG B 54 12.43 -14.84 -12.79
CA ARG B 54 13.59 -15.07 -11.95
C ARG B 54 14.61 -13.93 -11.88
N VAL B 55 14.66 -13.08 -12.90
CA VAL B 55 15.60 -11.97 -12.87
C VAL B 55 15.18 -10.97 -11.78
N SER B 56 13.93 -11.08 -11.34
CA SER B 56 13.40 -10.21 -10.28
C SER B 56 13.59 -10.86 -8.93
N ALA B 57 14.00 -12.13 -8.93
CA ALA B 57 14.20 -12.88 -7.69
C ALA B 57 15.17 -12.21 -6.72
N GLY B 58 14.64 -11.85 -5.55
CA GLY B 58 15.46 -11.22 -4.53
C GLY B 58 15.50 -9.71 -4.64
N ARG B 59 14.90 -9.18 -5.69
CA ARG B 59 14.86 -7.74 -5.91
C ARG B 59 13.93 -7.01 -4.94
N ALA B 60 14.36 -5.84 -4.51
CA ALA B 60 13.55 -4.99 -3.64
C ALA B 60 13.15 -3.83 -4.55
N GLN B 61 11.93 -3.88 -5.08
CA GLN B 61 11.46 -2.86 -6.00
C GLN B 61 10.00 -2.52 -5.76
N LEU B 62 9.63 -1.32 -6.16
CA LEU B 62 8.25 -0.85 -6.05
C LEU B 62 7.87 -0.44 -7.46
N VAL B 63 6.65 -0.77 -7.89
CA VAL B 63 6.23 -0.42 -9.23
C VAL B 63 5.06 0.55 -9.29
N LEU B 64 5.24 1.61 -10.08
CA LEU B 64 4.22 2.62 -10.32
C LEU B 64 3.67 2.20 -11.65
N LEU B 65 2.34 2.09 -11.75
CA LEU B 65 1.75 1.62 -12.98
C LEU B 65 0.53 2.39 -13.49
N ASP B 66 0.69 3.01 -14.66
CA ASP B 66 -0.41 3.71 -15.30
C ASP B 66 -1.23 2.56 -15.89
N LEU B 67 -2.55 2.60 -15.79
CA LEU B 67 -3.34 1.51 -16.32
C LEU B 67 -3.48 1.60 -17.84
N ASN B 68 -3.45 2.81 -18.36
CA ASN B 68 -3.62 3.01 -19.80
C ASN B 68 -2.31 2.98 -20.56
N LEU B 69 -1.98 1.82 -21.12
CA LEU B 69 -0.75 1.68 -21.90
C LEU B 69 -1.10 1.43 -23.37
N PRO B 70 -0.18 1.71 -24.30
CA PRO B 70 -0.40 1.53 -25.74
C PRO B 70 -0.49 0.08 -26.24
N ASP B 71 0.40 -0.77 -25.78
CA ASP B 71 0.44 -2.16 -26.23
C ASP B 71 -0.33 -3.20 -25.42
N THR B 73 -3.01 -3.55 -21.42
CA THR B 73 -3.62 -2.88 -20.28
C THR B 73 -2.78 -3.08 -19.03
N GLY B 74 -2.68 -2.04 -18.21
CA GLY B 74 -1.91 -2.15 -16.99
C GLY B 74 -2.38 -3.29 -16.12
N ILE B 75 -3.66 -3.62 -16.20
CA ILE B 75 -4.24 -4.71 -15.41
C ILE B 75 -3.53 -6.03 -15.66
N ASP B 76 -3.12 -6.28 -16.90
CA ASP B 76 -2.41 -7.50 -17.24
C ASP B 76 -1.08 -7.60 -16.50
N ILE B 77 -0.36 -6.49 -16.46
CA ILE B 77 0.93 -6.43 -15.80
C ILE B 77 0.74 -6.69 -14.31
N LEU B 78 -0.35 -6.16 -13.76
CA LEU B 78 -0.67 -6.34 -12.35
C LEU B 78 -0.91 -7.81 -12.04
N LYS B 79 -1.74 -8.47 -12.85
CA LYS B 79 -2.02 -9.88 -12.63
C LYS B 79 -0.75 -10.71 -12.76
N LEU B 80 0.03 -10.44 -13.81
CA LEU B 80 1.28 -11.17 -14.02
C LEU B 80 2.21 -11.03 -12.82
N VAL B 81 2.35 -9.79 -12.32
CA VAL B 81 3.21 -9.49 -11.19
C VAL B 81 2.77 -10.16 -9.89
N LYS B 82 1.48 -10.04 -9.55
CA LYS B 82 0.98 -10.62 -8.31
C LYS B 82 0.79 -12.14 -8.36
N GLU B 83 1.03 -12.73 -9.51
CA GLU B 83 0.88 -14.18 -9.66
C GLU B 83 2.24 -14.85 -9.53
N ASN B 84 3.26 -14.25 -10.15
CA ASN B 84 4.61 -14.81 -10.12
C ASN B 84 5.24 -14.74 -8.73
N PRO B 85 5.83 -15.84 -8.25
CA PRO B 85 6.47 -15.90 -6.94
C PRO B 85 7.73 -15.06 -6.79
N HIS B 86 8.29 -14.61 -7.90
CA HIS B 86 9.50 -13.79 -7.85
C HIS B 86 9.24 -12.29 -8.04
N THR B 87 7.97 -11.91 -8.15
CA THR B 87 7.60 -10.51 -8.31
C THR B 87 6.40 -10.11 -7.45
N ARG B 88 5.56 -11.07 -7.12
CA ARG B 88 4.35 -10.78 -6.36
C ARG B 88 4.50 -9.98 -5.08
N ARG B 89 5.61 -10.17 -4.37
CA ARG B 89 5.85 -9.47 -3.12
C ARG B 89 6.21 -7.99 -3.34
N SER B 90 6.49 -7.62 -4.59
CA SER B 90 6.83 -6.24 -4.88
C SER B 90 5.58 -5.38 -4.74
N PRO B 91 5.67 -4.29 -3.98
CA PRO B 91 4.49 -3.42 -3.82
C PRO B 91 4.16 -2.71 -5.12
N VAL B 92 2.92 -2.86 -5.57
CA VAL B 92 2.48 -2.22 -6.80
C VAL B 92 1.54 -1.08 -6.48
N VAL B 93 1.88 0.11 -6.97
CA VAL B 93 1.06 1.29 -6.76
C VAL B 93 0.48 1.70 -8.10
N ILE B 94 -0.84 1.65 -8.21
CA ILE B 94 -1.50 2.05 -9.44
C ILE B 94 -1.57 3.57 -9.41
N LEU B 95 -1.12 4.20 -10.47
CA LEU B 95 -1.16 5.66 -10.54
C LEU B 95 -1.73 5.94 -11.91
N THR B 96 -3.06 6.06 -11.97
CA THR B 96 -3.72 6.28 -13.24
C THR B 96 -4.82 7.33 -13.24
N THR B 97 -5.27 7.66 -14.45
CA THR B 97 -6.31 8.66 -14.67
C THR B 97 -7.69 8.35 -14.09
N THR B 98 -8.22 7.18 -14.39
CA THR B 98 -9.54 6.82 -13.91
C THR B 98 -9.69 6.71 -12.41
N ASP B 99 -10.88 7.08 -11.94
CA ASP B 99 -11.24 7.02 -10.53
C ASP B 99 -12.50 6.16 -10.45
N ASP B 100 -12.63 5.27 -11.44
CA ASP B 100 -13.76 4.35 -11.56
C ASP B 100 -13.69 3.28 -10.46
N GLN B 101 -14.61 3.37 -9.49
CA GLN B 101 -14.64 2.43 -8.38
C GLN B 101 -14.57 0.95 -8.75
N ARG B 102 -15.16 0.58 -9.88
CA ARG B 102 -15.14 -0.81 -10.33
C ARG B 102 -13.69 -1.15 -10.62
N GLU B 103 -13.01 -0.20 -11.24
CA GLU B 103 -11.61 -0.37 -11.60
C GLU B 103 -10.72 -0.40 -10.36
N ILE B 104 -11.09 0.39 -9.36
CA ILE B 104 -10.33 0.44 -8.13
C ILE B 104 -10.47 -0.90 -7.41
N GLN B 105 -11.71 -1.36 -7.22
CA GLN B 105 -11.93 -2.63 -6.54
C GLN B 105 -11.21 -3.78 -7.24
N ARG B 106 -11.33 -3.82 -8.57
CA ARG B 106 -10.71 -4.85 -9.39
C ARG B 106 -9.19 -4.86 -9.20
N CYS B 107 -8.60 -3.68 -9.15
CA CYS B 107 -7.15 -3.57 -8.96
C CYS B 107 -6.72 -4.10 -7.61
N TYR B 108 -7.49 -3.78 -6.57
CA TYR B 108 -7.14 -4.26 -5.24
C TYR B 108 -7.28 -5.78 -5.19
N ASP B 109 -8.36 -6.32 -5.75
CA ASP B 109 -8.56 -7.76 -5.75
C ASP B 109 -7.45 -8.47 -6.50
N LEU B 110 -6.90 -7.81 -7.51
CA LEU B 110 -5.80 -8.41 -8.28
C LEU B 110 -4.48 -8.33 -7.54
N GLY B 111 -4.47 -7.64 -6.41
CA GLY B 111 -3.24 -7.57 -5.61
C GLY B 111 -2.51 -6.23 -5.57
N ALA B 112 -3.14 -5.17 -6.04
CA ALA B 112 -2.49 -3.87 -6.00
C ALA B 112 -2.35 -3.48 -4.52
N ASN B 113 -1.22 -2.89 -4.17
CA ASN B 113 -0.97 -2.47 -2.79
C ASN B 113 -1.66 -1.14 -2.52
N VAL B 114 -1.58 -0.24 -3.50
CA VAL B 114 -2.15 1.09 -3.41
C VAL B 114 -2.66 1.55 -4.77
N TYR B 115 -3.80 2.21 -4.78
CA TYR B 115 -4.37 2.72 -6.02
C TYR B 115 -4.51 4.23 -5.83
N ILE B 116 -3.99 4.98 -6.80
CA ILE B 116 -4.07 6.43 -6.75
C ILE B 116 -4.60 6.99 -8.07
N THR B 117 -5.62 7.83 -7.99
CA THR B 117 -6.17 8.47 -9.17
C THR B 117 -5.37 9.75 -9.39
N LYS B 118 -4.86 9.94 -10.60
CA LYS B 118 -4.08 11.13 -10.93
C LYS B 118 -4.95 12.39 -10.84
N PRO B 119 -4.57 13.34 -9.98
CA PRO B 119 -5.39 14.55 -9.89
C PRO B 119 -5.38 15.27 -11.24
N VAL B 120 -6.42 16.04 -11.51
CA VAL B 120 -6.55 16.79 -12.74
C VAL B 120 -5.60 17.99 -12.71
N ASN B 121 -5.72 18.78 -11.65
CA ASN B 121 -4.92 19.98 -11.46
C ASN B 121 -3.42 19.70 -11.32
N TYR B 122 -2.63 20.35 -12.17
CA TYR B 122 -1.17 20.20 -12.18
C TYR B 122 -0.54 20.23 -10.79
N GLU B 123 -0.86 21.30 -10.04
CA GLU B 123 -0.37 21.48 -8.67
C GLU B 123 -0.77 20.30 -7.80
N ASN B 124 -2.01 19.85 -7.96
CA ASN B 124 -2.50 18.74 -7.17
C ASN B 124 -1.79 17.46 -7.59
N PHE B 125 -1.52 17.30 -8.88
CA PHE B 125 -0.82 16.12 -9.38
C PHE B 125 0.61 16.09 -8.81
N ALA B 126 1.37 17.16 -9.03
CA ALA B 126 2.74 17.25 -8.51
C ALA B 126 2.82 17.04 -6.99
N ASN B 127 1.87 17.62 -6.25
CA ASN B 127 1.87 17.46 -4.82
C ASN B 127 1.63 16.00 -4.40
N ALA B 128 0.71 15.34 -5.09
CA ALA B 128 0.39 13.94 -4.80
C ALA B 128 1.61 13.05 -4.99
N ILE B 129 2.33 13.25 -6.09
CA ILE B 129 3.53 12.48 -6.37
C ILE B 129 4.56 12.72 -5.27
N ARG B 130 4.67 13.98 -4.85
CA ARG B 130 5.59 14.36 -3.80
C ARG B 130 5.24 13.61 -2.51
N GLN B 131 3.96 13.56 -2.16
CA GLN B 131 3.54 12.84 -0.96
C GLN B 131 3.93 11.37 -1.10
N LEU B 132 3.72 10.81 -2.29
CA LEU B 132 4.08 9.42 -2.59
C LEU B 132 5.56 9.19 -2.29
N GLY B 133 6.40 10.14 -2.71
CA GLY B 133 7.83 10.02 -2.49
C GLY B 133 8.17 10.01 -1.01
N LEU B 134 7.47 10.83 -0.25
CA LEU B 134 7.69 10.94 1.19
C LEU B 134 7.19 9.67 1.86
N PHE B 135 6.04 9.17 1.42
CA PHE B 135 5.52 7.93 1.99
C PHE B 135 6.46 6.77 1.67
N PHE B 136 7.01 6.76 0.46
CA PHE B 136 7.95 5.72 0.02
C PHE B 136 9.13 5.60 0.99
N SER B 137 9.65 6.73 1.46
CA SER B 137 10.79 6.75 2.37
C SER B 137 10.45 6.23 3.76
N VAL B 138 9.15 6.10 4.02
CA VAL B 138 8.67 5.66 5.31
C VAL B 138 8.29 4.18 5.36
N GLN B 140 8.47 -0.02 4.16
CA GLN B 140 9.47 -1.06 3.96
C GLN B 140 9.16 -1.72 2.62
N VAL B 141 10.11 -1.71 1.69
CA VAL B 141 9.93 -2.35 0.41
C VAL B 141 10.70 -3.66 0.51
N PRO B 142 10.00 -4.80 0.45
CA PRO B 142 10.64 -6.11 0.56
C PRO B 142 11.21 -6.68 -0.72
N GLU B 143 12.14 -7.62 -0.55
CA GLU B 143 12.74 -8.32 -1.68
C GLU B 143 11.80 -9.49 -1.96
N THR B 144 11.69 -9.87 -3.22
CA THR B 144 10.84 -10.97 -3.58
C THR B 144 11.56 -12.27 -3.26
N GLU B 145 10.91 -13.40 -3.52
CA GLU B 145 11.50 -14.70 -3.28
C GLU B 145 12.65 -14.95 -4.26
N GLY B 146 13.56 -15.84 -3.90
CA GLY B 146 14.69 -16.16 -4.77
C GLY B 146 14.51 -17.46 -5.55
#